data_9OO6
#
_entry.id   9OO6
#
_cell.length_a   1.00
_cell.length_b   1.00
_cell.length_c   1.00
_cell.angle_alpha   90.00
_cell.angle_beta   90.00
_cell.angle_gamma   90.00
#
_symmetry.space_group_name_H-M   'P 1'
#
loop_
_entity.id
_entity.type
_entity.pdbx_description
1 polymer 'Isoform 3 of Protein-serine O-palmitoleoyltransferase porcupine,Green fluorescent protein'
2 non-polymer 2-[4-(2-methylpyridin-4-yl)phenyl]-N-[4-(pyridin-3-yl)phenyl]acetamide
3 non-polymer 'Lauryl Maltose Neopentyl Glycol'
4 non-polymer 'ZINC ION'
5 water water
#
_entity_poly.entity_id   1
_entity_poly.type   'polypeptide(L)'
_entity_poly.pdbx_seq_one_letter_code
;MATFSRQEFFQQLLQGCLLPTAQQGLDQIWLLLAICLACRLLWRLGLPSYLKHASTVAGGFFSLYHFFQLHMVWVVLLSL
LCYLVLFLCRHSSHRGVFLSVTILIYLLMGEMHMVDTVTWHKMRGAQMIVAMKAVSLGFDLDRGEVGTVPSPVEFMGYLY
FVGTIVFGPWISFHSYLQAVQGRPLSARWLQKVARSLALALLCLVLSTCVGPYLFPYFIPLNGDRLLRKGTMVRWLRAYE
SAVSFHFSNYFVGFLSEATATLAGAGFTEEKDHLEWDLTVSKPLNVELPRSMVEVVTSWNLPMSYWLNNYVFKNALRLGT
FSAVLVTYAASALLHGFSFHLAAVLLSLAFITYVEHVLRKRLARILSACVLSKRCPPDCSHQHRLGLGVRALNLLFGALA
IFHLAYLGSLFDVDVDDTTEEQGYGMAYTVHKWSELSWASHWVTFGCWIFYRLIGAAAFESRLEVLFQGPAAAAVSKGEE
LFTGVVPILVELDGDVNGHKFSVSGEGEGDATYGKLTLKFICTTGKLPVPWPTLVTTLTYGVQCFSRYPDHMKQHDFFKS
AMPEGYVQERTIFFKDDGNYKTRAEVKFEGDTLVNRIELKGIDFKEDGNILGHKLEYNYNSHNVYIMADKQKNGIKVNFK
IRHNIEDGSVQLADHYQQNTPIGDGPVLLPDNHYLSTQSKLSKDPNEKRDHMVLLEFVTAAGITLGMDELYKSGGSGWSH
PQFEK
;
_entity_poly.pdbx_strand_id   A
#
loop_
_chem_comp.id
_chem_comp.type
_chem_comp.name
_chem_comp.formula
A1CC5 non-polymer 2-[4-(2-methylpyridin-4-yl)phenyl]-N-[4-(pyridin-3-yl)phenyl]acetamide 'C25 H21 N3 O'
AV0 non-polymer 'Lauryl Maltose Neopentyl Glycol' 'C47 H88 O22'
ZN non-polymer 'ZINC ION' 'Zn 2'
#
# COMPACT_ATOMS: atom_id res chain seq x y z
N PHE A 4 -12.63 11.24 -31.15
CA PHE A 4 -11.87 12.38 -31.64
C PHE A 4 -10.38 12.04 -31.82
N SER A 5 -9.71 12.79 -32.68
CA SER A 5 -8.31 12.57 -32.97
C SER A 5 -7.43 13.20 -31.90
N ARG A 6 -6.12 13.22 -32.12
CA ARG A 6 -5.19 13.81 -31.16
C ARG A 6 -5.33 15.32 -31.08
N GLN A 7 -5.65 15.95 -32.22
CA GLN A 7 -5.80 17.40 -32.26
C GLN A 7 -6.95 17.87 -31.38
N GLU A 8 -8.13 17.28 -31.57
CA GLU A 8 -9.29 17.65 -30.76
C GLU A 8 -9.07 17.27 -29.29
N PHE A 9 -8.42 16.13 -29.05
CA PHE A 9 -8.16 15.68 -27.69
C PHE A 9 -7.29 16.68 -26.94
N PHE A 10 -6.22 17.16 -27.57
CA PHE A 10 -5.38 18.13 -26.91
C PHE A 10 -5.96 19.54 -26.97
N GLN A 11 -6.95 19.78 -27.83
CA GLN A 11 -7.71 21.02 -27.74
C GLN A 11 -8.62 21.04 -26.53
N GLN A 12 -9.17 19.88 -26.13
CA GLN A 12 -10.14 19.86 -25.05
C GLN A 12 -9.59 19.29 -23.75
N LEU A 13 -8.31 18.92 -23.71
CA LEU A 13 -7.72 18.28 -22.53
C LEU A 13 -7.87 19.13 -21.26
N LEU A 14 -7.44 20.39 -21.32
CA LEU A 14 -7.41 21.26 -20.13
C LEU A 14 -8.79 21.42 -19.52
N GLN A 15 -9.78 21.84 -20.30
CA GLN A 15 -11.12 22.07 -19.77
C GLN A 15 -11.93 20.79 -19.66
N GLY A 16 -11.43 19.70 -20.23
CA GLY A 16 -12.12 18.42 -20.26
C GLY A 16 -11.81 17.51 -19.10
N CYS A 17 -10.54 17.32 -18.79
CA CYS A 17 -10.14 16.36 -17.77
C CYS A 17 -9.13 16.87 -16.76
N LEU A 18 -8.37 17.93 -17.04
CA LEU A 18 -7.52 18.48 -15.99
C LEU A 18 -8.32 19.15 -14.88
N LEU A 19 -9.00 20.25 -15.22
CA LEU A 19 -9.74 21.00 -14.22
C LEU A 19 -10.90 20.21 -13.60
N PRO A 20 -11.78 19.53 -14.37
CA PRO A 20 -12.80 18.68 -13.69
C PRO A 20 -12.26 17.68 -12.69
N THR A 21 -11.29 16.85 -13.09
CA THR A 21 -10.73 15.84 -12.18
C THR A 21 -10.11 16.49 -10.96
N ALA A 22 -9.33 17.56 -11.17
CA ALA A 22 -8.69 18.25 -10.05
C ALA A 22 -9.73 18.81 -9.09
N GLN A 23 -10.75 19.47 -9.61
CA GLN A 23 -11.81 20.04 -8.77
C GLN A 23 -12.55 18.95 -7.99
N GLN A 24 -12.94 17.87 -8.68
CA GLN A 24 -13.60 16.74 -8.01
C GLN A 24 -12.73 16.17 -6.90
N GLY A 25 -11.49 15.83 -7.21
CA GLY A 25 -10.58 15.26 -6.22
C GLY A 25 -10.34 16.18 -5.04
N LEU A 26 -10.31 17.49 -5.28
CA LEU A 26 -10.06 18.44 -4.21
C LEU A 26 -11.30 18.62 -3.33
N ASP A 27 -12.48 18.63 -3.95
CA ASP A 27 -13.72 18.97 -3.25
C ASP A 27 -14.21 17.80 -2.39
N GLN A 28 -13.62 16.61 -2.53
CA GLN A 28 -13.97 15.49 -1.66
C GLN A 28 -12.91 15.19 -0.62
N ILE A 29 -11.87 16.02 -0.52
CA ILE A 29 -10.85 15.86 0.50
C ILE A 29 -10.66 17.11 1.35
N TRP A 30 -11.26 18.24 0.96
CA TRP A 30 -11.00 19.51 1.65
C TRP A 30 -11.49 19.50 3.08
N LEU A 31 -12.60 18.81 3.36
CA LEU A 31 -13.09 18.75 4.73
C LEU A 31 -12.21 17.86 5.59
N LEU A 32 -11.71 16.75 5.02
CA LEU A 32 -10.77 15.91 5.75
C LEU A 32 -9.47 16.64 6.05
N LEU A 33 -8.98 17.42 5.08
CA LEU A 33 -7.78 18.24 5.31
C LEU A 33 -8.03 19.30 6.36
N ALA A 34 -9.23 19.89 6.37
CA ALA A 34 -9.57 20.87 7.38
C ALA A 34 -9.62 20.26 8.78
N ILE A 35 -10.17 19.05 8.90
CA ILE A 35 -10.21 18.39 10.20
C ILE A 35 -8.81 17.98 10.64
N CYS A 36 -7.96 17.55 9.71
CA CYS A 36 -6.58 17.22 10.06
C CYS A 36 -5.81 18.45 10.53
N LEU A 37 -6.01 19.59 9.85
CA LEU A 37 -5.36 20.83 10.28
C LEU A 37 -5.88 21.29 11.63
N ALA A 38 -7.19 21.15 11.86
CA ALA A 38 -7.76 21.51 13.16
C ALA A 38 -7.23 20.62 14.27
N CYS A 39 -7.05 19.32 13.98
CA CYS A 39 -6.46 18.41 14.95
C CYS A 39 -5.01 18.78 15.26
N ARG A 40 -4.26 19.18 14.22
CA ARG A 40 -2.87 19.59 14.42
C ARG A 40 -2.79 20.86 15.26
N LEU A 41 -3.67 21.82 15.00
CA LEU A 41 -3.65 23.06 15.77
C LEU A 41 -4.14 22.83 17.19
N LEU A 42 -5.12 21.94 17.37
CA LEU A 42 -5.65 21.66 18.70
C LEU A 42 -4.67 20.88 19.56
N TRP A 43 -3.85 20.02 18.94
CA TRP A 43 -2.91 19.22 19.71
C TRP A 43 -1.67 19.99 20.13
N ARG A 44 -1.50 21.23 19.67
CA ARG A 44 -0.39 22.07 20.07
C ARG A 44 -0.73 23.00 21.22
N LEU A 45 -1.95 22.93 21.76
CA LEU A 45 -2.42 23.85 22.77
C LEU A 45 -2.06 23.42 24.19
N GLY A 46 -1.35 22.31 24.36
CA GLY A 46 -1.03 21.84 25.69
C GLY A 46 -2.18 21.20 26.43
N LEU A 47 -3.14 20.63 25.70
CA LEU A 47 -4.22 19.91 26.32
C LEU A 47 -3.71 18.59 26.92
N PRO A 48 -4.42 18.03 27.89
CA PRO A 48 -4.09 16.69 28.36
C PRO A 48 -4.28 15.66 27.27
N SER A 49 -3.59 14.53 27.42
CA SER A 49 -3.53 13.52 26.37
C SER A 49 -4.90 12.89 26.10
N TYR A 50 -5.68 12.66 27.17
CA TYR A 50 -7.00 12.05 26.99
C TYR A 50 -7.94 12.96 26.22
N LEU A 51 -7.82 14.28 26.39
CA LEU A 51 -8.61 15.20 25.59
C LEU A 51 -8.21 15.16 24.12
N LYS A 52 -6.91 14.99 23.84
CA LYS A 52 -6.45 14.83 22.47
C LYS A 52 -7.00 13.56 21.84
N HIS A 53 -6.97 12.46 22.59
CA HIS A 53 -7.52 11.20 22.09
C HIS A 53 -9.02 11.30 21.84
N ALA A 54 -9.75 11.95 22.75
CA ALA A 54 -11.19 12.12 22.57
C ALA A 54 -11.50 13.02 21.38
N SER A 55 -10.69 14.08 21.18
CA SER A 55 -10.88 14.98 20.06
C SER A 55 -10.64 14.26 18.74
N THR A 56 -9.60 13.43 18.67
CA THR A 56 -9.41 12.69 17.42
C THR A 56 -10.42 11.56 17.26
N VAL A 57 -11.01 11.05 18.35
CA VAL A 57 -12.12 10.10 18.22
C VAL A 57 -13.32 10.77 17.58
N ALA A 58 -13.65 11.98 18.06
CA ALA A 58 -14.75 12.74 17.47
C ALA A 58 -14.47 13.11 16.02
N GLY A 59 -13.23 13.51 15.72
CA GLY A 59 -12.87 13.82 14.35
C GLY A 59 -12.92 12.60 13.44
N GLY A 60 -12.51 11.44 13.95
CA GLY A 60 -12.61 10.22 13.18
C GLY A 60 -14.04 9.80 12.91
N PHE A 61 -14.91 9.95 13.92
CA PHE A 61 -16.34 9.71 13.71
C PHE A 61 -16.91 10.64 12.64
N PHE A 62 -16.56 11.93 12.70
CA PHE A 62 -17.12 12.86 11.72
C PHE A 62 -16.56 12.61 10.32
N SER A 63 -15.28 12.26 10.21
CA SER A 63 -14.71 11.94 8.90
C SER A 63 -15.30 10.66 8.33
N LEU A 64 -15.48 9.63 9.17
CA LEU A 64 -16.09 8.40 8.70
C LEU A 64 -17.54 8.63 8.27
N TYR A 65 -18.26 9.47 9.02
CA TYR A 65 -19.63 9.80 8.59
C TYR A 65 -19.61 10.58 7.29
N HIS A 66 -18.63 11.46 7.10
CA HIS A 66 -18.58 12.30 5.91
C HIS A 66 -18.32 11.46 4.67
N PHE A 67 -17.47 10.44 4.78
CA PHE A 67 -17.15 9.65 3.60
C PHE A 67 -18.06 8.45 3.39
N PHE A 68 -18.60 7.85 4.46
CA PHE A 68 -19.35 6.61 4.33
C PHE A 68 -20.78 6.68 4.86
N GLN A 69 -21.33 7.87 5.15
CA GLN A 69 -22.70 8.07 5.61
C GLN A 69 -23.04 7.20 6.82
N LEU A 70 -24.23 6.59 6.82
CA LEU A 70 -24.66 5.81 7.98
C LEU A 70 -23.90 4.49 8.07
N HIS A 71 -23.48 3.94 6.93
CA HIS A 71 -22.75 2.69 6.80
C HIS A 71 -21.54 2.54 7.74
N MET A 72 -20.95 3.65 8.21
CA MET A 72 -19.78 3.68 9.10
C MET A 72 -19.89 2.74 10.32
N VAL A 73 -21.11 2.33 10.68
CA VAL A 73 -21.37 1.46 11.82
C VAL A 73 -20.51 0.20 11.79
N TRP A 74 -20.19 -0.32 10.61
CA TRP A 74 -19.38 -1.54 10.53
C TRP A 74 -17.96 -1.29 11.03
N VAL A 75 -17.39 -0.12 10.69
CA VAL A 75 -16.07 0.23 11.21
C VAL A 75 -16.16 0.51 12.71
N VAL A 76 -17.27 1.08 13.16
CA VAL A 76 -17.41 1.41 14.58
C VAL A 76 -17.53 0.12 15.40
N LEU A 77 -18.34 -0.82 14.92
CA LEU A 77 -18.48 -2.11 15.57
C LEU A 77 -17.18 -2.89 15.52
N LEU A 78 -16.40 -2.76 14.43
CA LEU A 78 -15.10 -3.41 14.38
C LEU A 78 -14.16 -2.86 15.44
N SER A 79 -14.15 -1.53 15.62
CA SER A 79 -13.30 -0.93 16.64
C SER A 79 -13.71 -1.36 18.04
N LEU A 80 -15.01 -1.38 18.31
CA LEU A 80 -15.50 -1.82 19.62
C LEU A 80 -15.18 -3.29 19.88
N LEU A 81 -15.34 -4.14 18.86
CA LEU A 81 -15.03 -5.56 18.99
C LEU A 81 -13.53 -5.77 19.19
N CYS A 82 -12.70 -4.99 18.49
CA CYS A 82 -11.25 -5.09 18.67
C CYS A 82 -10.85 -4.70 20.08
N TYR A 83 -11.44 -3.64 20.63
CA TYR A 83 -11.13 -3.30 22.01
C TYR A 83 -11.63 -4.36 22.98
N LEU A 84 -12.79 -4.96 22.71
CA LEU A 84 -13.30 -6.01 23.57
C LEU A 84 -12.36 -7.21 23.60
N VAL A 85 -11.87 -7.63 22.43
CA VAL A 85 -10.93 -8.73 22.35
C VAL A 85 -9.61 -8.37 23.04
N LEU A 86 -9.12 -7.14 22.85
CA LEU A 86 -7.89 -6.72 23.49
C LEU A 86 -8.02 -6.67 25.01
N PHE A 87 -9.20 -6.27 25.50
CA PHE A 87 -9.40 -6.20 26.95
C PHE A 87 -9.56 -7.59 27.55
N LEU A 88 -10.20 -8.51 26.83
CA LEU A 88 -10.42 -9.85 27.37
C LEU A 88 -9.11 -10.61 27.55
N CYS A 89 -8.15 -10.41 26.65
CA CYS A 89 -6.87 -11.10 26.71
C CYS A 89 -5.72 -10.16 27.07
N ARG A 90 -6.01 -9.12 27.85
CA ARG A 90 -5.02 -8.09 28.14
C ARG A 90 -3.84 -8.60 28.97
N HIS A 91 -3.99 -9.73 29.65
CA HIS A 91 -2.90 -10.30 30.44
C HIS A 91 -2.24 -11.49 29.76
N SER A 92 -2.70 -11.88 28.58
CA SER A 92 -2.12 -13.01 27.87
C SER A 92 -0.94 -12.55 27.02
N SER A 93 -0.09 -13.52 26.66
CA SER A 93 1.03 -13.29 25.78
C SER A 93 0.69 -13.52 24.31
N HIS A 94 -0.57 -13.79 24.01
CA HIS A 94 -1.03 -14.08 22.66
C HIS A 94 -2.13 -13.11 22.23
N ARG A 95 -1.94 -11.82 22.56
CA ARG A 95 -2.91 -10.80 22.18
C ARG A 95 -3.03 -10.68 20.67
N GLY A 96 -1.90 -10.74 19.97
CA GLY A 96 -1.92 -10.68 18.52
C GLY A 96 -2.62 -11.87 17.91
N VAL A 97 -2.51 -13.04 18.54
CA VAL A 97 -3.19 -14.24 18.04
C VAL A 97 -4.70 -14.06 18.09
N PHE A 98 -5.21 -13.62 19.24
CA PHE A 98 -6.64 -13.42 19.41
C PHE A 98 -7.16 -12.32 18.50
N LEU A 99 -6.41 -11.21 18.38
CA LEU A 99 -6.85 -10.12 17.53
C LEU A 99 -6.82 -10.51 16.05
N SER A 100 -5.81 -11.29 15.63
CA SER A 100 -5.76 -11.76 14.26
C SER A 100 -6.88 -12.74 13.95
N VAL A 101 -7.22 -13.61 14.91
CA VAL A 101 -8.34 -14.53 14.72
C VAL A 101 -9.65 -13.77 14.61
N THR A 102 -9.84 -12.75 15.45
CA THR A 102 -11.09 -12.01 15.41
C THR A 102 -11.20 -11.14 14.16
N ILE A 103 -10.06 -10.65 13.67
CA ILE A 103 -10.06 -9.94 12.39
C ILE A 103 -10.37 -10.89 11.24
N LEU A 104 -9.83 -12.12 11.31
CA LEU A 104 -10.14 -13.14 10.30
C LEU A 104 -11.63 -13.44 10.26
N ILE A 105 -12.24 -13.63 11.44
CA ILE A 105 -13.67 -13.92 11.50
C ILE A 105 -14.49 -12.76 10.95
N TYR A 106 -14.14 -11.53 11.36
CA TYR A 106 -14.91 -10.36 10.93
C TYR A 106 -14.83 -10.18 9.41
N LEU A 107 -13.61 -10.18 8.88
CA LEU A 107 -13.42 -10.00 7.44
C LEU A 107 -14.07 -11.12 6.65
N LEU A 108 -13.92 -12.38 7.07
CA LEU A 108 -14.54 -13.48 6.36
C LEU A 108 -16.07 -13.41 6.43
N MET A 109 -16.61 -12.92 7.54
CA MET A 109 -18.05 -12.72 7.63
C MET A 109 -18.51 -11.67 6.62
N GLY A 110 -17.75 -10.58 6.50
CA GLY A 110 -18.07 -9.59 5.48
C GLY A 110 -17.97 -10.11 4.07
N GLU A 111 -16.95 -10.94 3.79
CA GLU A 111 -16.81 -11.56 2.48
C GLU A 111 -17.92 -12.55 2.18
N MET A 112 -18.50 -13.17 3.23
CA MET A 112 -19.61 -14.09 3.09
C MET A 112 -20.93 -13.42 2.69
N HIS A 113 -20.91 -12.11 2.46
CA HIS A 113 -22.02 -11.29 1.98
C HIS A 113 -23.12 -11.14 3.03
N MET A 114 -22.80 -11.34 4.31
CA MET A 114 -23.75 -11.03 5.37
C MET A 114 -24.06 -9.54 5.37
N VAL A 115 -23.11 -8.71 4.94
CA VAL A 115 -23.27 -7.28 4.81
C VAL A 115 -23.34 -6.97 3.31
N ASP A 116 -24.03 -5.87 2.97
CA ASP A 116 -24.21 -5.44 1.59
C ASP A 116 -22.87 -5.30 0.86
N THR A 117 -22.85 -5.74 -0.40
CA THR A 117 -21.62 -5.70 -1.20
C THR A 117 -21.12 -4.27 -1.43
N VAL A 118 -22.02 -3.35 -1.79
CA VAL A 118 -21.63 -1.97 -2.06
C VAL A 118 -21.09 -1.31 -0.79
N THR A 119 -21.83 -1.46 0.31
CA THR A 119 -21.42 -0.92 1.61
C THR A 119 -20.04 -1.43 2.01
N TRP A 120 -19.85 -2.76 1.95
CA TRP A 120 -18.57 -3.36 2.32
C TRP A 120 -17.44 -2.86 1.43
N HIS A 121 -17.66 -2.88 0.12
CA HIS A 121 -16.62 -2.47 -0.84
C HIS A 121 -16.27 -0.99 -0.69
N LYS A 122 -17.23 -0.16 -0.26
CA LYS A 122 -17.03 1.27 -0.15
C LYS A 122 -15.88 1.62 0.82
N MET A 123 -15.86 1.00 1.99
CA MET A 123 -14.93 1.33 3.06
C MET A 123 -13.97 0.18 3.36
N ARG A 124 -13.51 -0.50 2.31
CA ARG A 124 -12.53 -1.56 2.49
C ARG A 124 -11.21 -1.01 3.04
N GLY A 125 -10.79 0.15 2.57
CA GLY A 125 -9.57 0.79 3.02
C GLY A 125 -9.52 1.19 4.47
N ALA A 126 -10.51 1.98 4.92
CA ALA A 126 -10.60 2.37 6.33
C ALA A 126 -10.67 1.17 7.26
N GLN A 127 -11.48 0.18 6.90
CA GLN A 127 -11.58 -1.04 7.69
C GLN A 127 -10.27 -1.81 7.71
N MET A 128 -9.57 -1.83 6.57
CA MET A 128 -8.25 -2.45 6.50
C MET A 128 -7.27 -1.77 7.44
N ILE A 129 -7.28 -0.44 7.47
CA ILE A 129 -6.36 0.30 8.32
C ILE A 129 -6.68 0.08 9.80
N VAL A 130 -7.97 0.02 10.14
CA VAL A 130 -8.37 -0.23 11.52
C VAL A 130 -7.92 -1.63 11.96
N ALA A 131 -8.13 -2.62 11.08
CA ALA A 131 -7.70 -3.99 11.37
C ALA A 131 -6.19 -4.10 11.52
N MET A 132 -5.45 -3.42 10.64
CA MET A 132 -3.99 -3.43 10.71
C MET A 132 -3.50 -2.79 12.00
N LYS A 133 -4.12 -1.67 12.39
CA LYS A 133 -3.74 -1.00 13.63
C LYS A 133 -3.99 -1.88 14.85
N ALA A 134 -5.15 -2.55 14.89
CA ALA A 134 -5.48 -3.40 16.03
C ALA A 134 -4.56 -4.60 16.12
N VAL A 135 -4.31 -5.28 14.99
CA VAL A 135 -3.43 -6.44 14.99
C VAL A 135 -2.00 -6.04 15.34
N SER A 136 -1.55 -4.89 14.83
CA SER A 136 -0.20 -4.41 15.12
C SER A 136 -0.05 -4.06 16.59
N LEU A 137 -1.07 -3.43 17.20
CA LEU A 137 -0.98 -3.11 18.61
C LEU A 137 -0.99 -4.38 19.47
N GLY A 138 -1.79 -5.37 19.08
CA GLY A 138 -1.76 -6.64 19.80
C GLY A 138 -0.42 -7.34 19.74
N PHE A 139 0.19 -7.37 18.56
CA PHE A 139 1.49 -8.02 18.43
C PHE A 139 2.60 -7.19 19.08
N ASP A 140 2.48 -5.86 19.09
CA ASP A 140 3.45 -5.03 19.78
C ASP A 140 3.37 -5.20 21.29
N LEU A 141 2.15 -5.39 21.81
CA LEU A 141 2.00 -5.71 23.22
C LEU A 141 2.56 -7.09 23.52
N ASP A 142 2.42 -8.03 22.59
CA ASP A 142 2.98 -9.37 22.78
C ASP A 142 4.51 -9.34 22.81
N ARG A 143 5.12 -8.62 21.86
CA ARG A 143 6.57 -8.58 21.74
C ARG A 143 7.22 -7.63 22.74
N GLY A 144 6.45 -6.82 23.44
CA GLY A 144 6.99 -5.93 24.44
C GLY A 144 7.37 -4.55 23.95
N GLU A 145 7.10 -4.24 22.67
CA GLU A 145 7.40 -2.92 22.15
C GLU A 145 6.51 -1.85 22.79
N VAL A 146 5.26 -2.20 23.10
CA VAL A 146 4.37 -1.34 23.88
C VAL A 146 4.34 -1.88 25.30
N GLY A 147 4.69 -1.04 26.26
CA GLY A 147 4.85 -1.47 27.63
C GLY A 147 3.58 -1.96 28.32
N THR A 148 2.58 -1.10 28.38
CA THR A 148 1.32 -1.40 29.05
C THR A 148 0.18 -1.42 28.05
N VAL A 149 -0.88 -2.14 28.42
CA VAL A 149 -2.10 -2.14 27.62
C VAL A 149 -2.73 -0.76 27.67
N PRO A 150 -3.06 -0.16 26.52
CA PRO A 150 -3.58 1.22 26.53
C PRO A 150 -4.95 1.31 27.17
N SER A 151 -5.25 2.51 27.67
CA SER A 151 -6.58 2.83 28.16
C SER A 151 -7.55 2.87 26.99
N PRO A 152 -8.87 2.76 27.25
CA PRO A 152 -9.84 2.79 26.13
C PRO A 152 -9.74 4.02 25.25
N VAL A 153 -9.53 5.19 25.84
CA VAL A 153 -9.49 6.42 25.05
C VAL A 153 -8.27 6.47 24.15
N GLU A 154 -7.13 5.93 24.62
CA GLU A 154 -5.93 5.89 23.79
C GLU A 154 -6.08 4.91 22.63
N PHE A 155 -6.67 3.74 22.89
CA PHE A 155 -6.88 2.76 21.83
C PHE A 155 -7.86 3.28 20.79
N MET A 156 -8.95 3.91 21.24
CA MET A 156 -9.93 4.44 20.30
C MET A 156 -9.37 5.62 19.52
N GLY A 157 -8.54 6.44 20.15
CA GLY A 157 -7.88 7.51 19.42
C GLY A 157 -6.88 6.99 18.41
N TYR A 158 -6.18 5.90 18.74
CA TYR A 158 -5.28 5.28 17.78
C TYR A 158 -6.05 4.71 16.59
N LEU A 159 -7.19 4.08 16.83
CA LEU A 159 -7.98 3.55 15.72
C LEU A 159 -8.61 4.66 14.90
N TYR A 160 -9.04 5.74 15.56
CA TYR A 160 -9.68 6.87 14.89
C TYR A 160 -8.77 8.07 14.77
N PHE A 161 -7.47 7.87 14.56
CA PHE A 161 -6.58 8.98 14.27
C PHE A 161 -6.98 9.61 12.95
N VAL A 162 -7.32 10.90 12.99
CA VAL A 162 -7.96 11.54 11.84
C VAL A 162 -7.02 11.71 10.67
N GLY A 163 -5.71 11.68 10.92
CA GLY A 163 -4.76 11.66 9.81
C GLY A 163 -4.61 10.32 9.15
N THR A 164 -5.08 9.25 9.78
CA THR A 164 -4.93 7.89 9.27
C THR A 164 -6.24 7.12 9.36
N ILE A 165 -7.36 7.74 9.01
CA ILE A 165 -8.68 7.13 9.16
C ILE A 165 -9.28 6.72 7.81
N VAL A 166 -9.27 7.61 6.82
CA VAL A 166 -9.95 7.33 5.56
C VAL A 166 -9.05 6.58 4.59
N PHE A 167 -7.97 7.23 4.14
CA PHE A 167 -7.01 6.60 3.25
C PHE A 167 -5.65 6.46 3.91
N GLY A 168 -5.57 6.80 5.20
CA GLY A 168 -4.36 6.87 5.96
C GLY A 168 -3.47 5.65 5.95
N PRO A 169 -2.16 5.86 5.98
CA PRO A 169 -1.24 4.75 6.11
C PRO A 169 -1.29 4.18 7.52
N TRP A 170 -1.09 2.87 7.62
CA TRP A 170 -0.95 2.26 8.93
C TRP A 170 0.23 2.89 9.66
N ILE A 171 0.01 3.30 10.90
CA ILE A 171 1.09 3.80 11.74
C ILE A 171 1.10 2.98 13.03
N SER A 172 2.27 2.86 13.63
CA SER A 172 2.40 2.14 14.88
C SER A 172 1.78 2.94 16.02
N PHE A 173 1.49 2.25 17.12
CA PHE A 173 0.95 2.91 18.30
C PHE A 173 1.94 3.92 18.85
N HIS A 174 3.24 3.60 18.83
CA HIS A 174 4.24 4.55 19.30
C HIS A 174 4.31 5.78 18.40
N SER A 175 4.20 5.58 17.09
CA SER A 175 4.14 6.70 16.16
C SER A 175 2.91 7.57 16.43
N TYR A 176 1.77 6.94 16.73
CA TYR A 176 0.57 7.67 17.08
C TYR A 176 0.77 8.49 18.35
N LEU A 177 1.37 7.88 19.38
CA LEU A 177 1.61 8.60 20.63
C LEU A 177 2.57 9.76 20.44
N GLN A 178 3.56 9.58 19.56
CA GLN A 178 4.47 10.67 19.23
C GLN A 178 3.72 11.81 18.54
N ALA A 179 2.79 11.45 17.63
CA ALA A 179 1.94 12.47 17.03
C ALA A 179 1.10 13.18 18.09
N VAL A 180 0.62 12.43 19.08
CA VAL A 180 -0.19 13.00 20.16
C VAL A 180 0.61 14.05 20.92
N GLN A 181 1.91 13.76 21.18
CA GLN A 181 2.77 14.73 21.86
C GLN A 181 2.82 16.04 21.09
N GLY A 182 2.97 15.97 19.78
CA GLY A 182 3.00 17.14 18.91
C GLY A 182 4.38 17.71 18.73
N ARG A 183 4.61 18.27 17.54
CA ARG A 183 5.87 18.90 17.22
C ARG A 183 5.62 20.35 16.80
N PRO A 184 6.59 21.25 17.01
CA PRO A 184 6.43 22.64 16.56
C PRO A 184 6.17 22.74 15.06
N LEU A 185 5.10 23.46 14.71
CA LEU A 185 4.76 23.70 13.31
C LEU A 185 5.90 24.44 12.63
N SER A 186 6.55 23.79 11.67
CA SER A 186 7.71 24.36 11.01
C SER A 186 7.46 24.49 9.51
N ALA A 187 8.38 25.21 8.85
CA ALA A 187 8.34 25.35 7.40
C ALA A 187 8.50 24.02 6.69
N ARG A 188 9.37 23.15 7.23
CA ARG A 188 9.57 21.81 6.67
C ARG A 188 8.27 21.00 6.68
N TRP A 189 7.52 21.07 7.77
CA TRP A 189 6.24 20.38 7.87
C TRP A 189 5.27 20.84 6.79
N LEU A 190 5.13 22.17 6.66
CA LEU A 190 4.22 22.73 5.67
C LEU A 190 4.65 22.39 4.25
N GLN A 191 5.96 22.44 3.99
CA GLN A 191 6.48 22.05 2.67
C GLN A 191 6.17 20.59 2.37
N LYS A 192 6.33 19.72 3.38
CA LYS A 192 6.00 18.30 3.20
C LYS A 192 4.53 18.13 2.84
N VAL A 193 3.64 18.80 3.57
CA VAL A 193 2.19 18.70 3.30
C VAL A 193 1.88 19.21 1.90
N ALA A 194 2.42 20.38 1.54
CA ALA A 194 2.17 20.98 0.23
C ALA A 194 2.68 20.08 -0.90
N ARG A 195 3.90 19.56 -0.74
CA ARG A 195 4.47 18.67 -1.74
C ARG A 195 3.63 17.41 -1.90
N SER A 196 3.19 16.83 -0.78
CA SER A 196 2.37 15.62 -0.84
C SER A 196 1.04 15.89 -1.54
N LEU A 197 0.40 17.03 -1.22
CA LEU A 197 -0.86 17.37 -1.87
C LEU A 197 -0.68 17.61 -3.37
N ALA A 198 0.37 18.36 -3.74
CA ALA A 198 0.64 18.60 -5.15
C ALA A 198 0.91 17.30 -5.90
N LEU A 199 1.71 16.41 -5.31
CA LEU A 199 1.98 15.12 -5.94
C LEU A 199 0.73 14.28 -6.04
N ALA A 200 -0.14 14.33 -5.03
CA ALA A 200 -1.40 13.60 -5.07
C ALA A 200 -2.28 14.08 -6.20
N LEU A 201 -2.44 15.40 -6.33
CA LEU A 201 -3.27 15.96 -7.40
C LEU A 201 -2.69 15.65 -8.78
N LEU A 202 -1.36 15.72 -8.90
CA LEU A 202 -0.70 15.36 -10.16
C LEU A 202 -0.94 13.90 -10.51
N CYS A 203 -0.78 13.00 -9.55
CA CYS A 203 -1.00 11.58 -9.80
C CYS A 203 -2.46 11.30 -10.14
N LEU A 204 -3.40 11.99 -9.48
CA LEU A 204 -4.81 11.83 -9.80
C LEU A 204 -5.11 12.25 -11.24
N VAL A 205 -4.59 13.43 -11.64
CA VAL A 205 -4.77 13.93 -12.99
C VAL A 205 -4.18 12.95 -14.00
N LEU A 206 -2.98 12.45 -13.72
CA LEU A 206 -2.33 11.48 -14.60
C LEU A 206 -3.14 10.20 -14.71
N SER A 207 -3.65 9.71 -13.57
CA SER A 207 -4.44 8.48 -13.53
C SER A 207 -5.72 8.60 -14.32
N THR A 208 -6.35 9.78 -14.31
CA THR A 208 -7.64 9.92 -14.96
C THR A 208 -7.53 10.36 -16.42
N CYS A 209 -6.54 11.18 -16.75
CA CYS A 209 -6.41 11.75 -18.08
C CYS A 209 -5.28 11.14 -18.88
N VAL A 210 -4.04 11.21 -18.35
CA VAL A 210 -2.88 10.77 -19.12
C VAL A 210 -2.87 9.26 -19.29
N GLY A 211 -3.01 8.53 -18.18
CA GLY A 211 -2.97 7.07 -18.16
C GLY A 211 -3.82 6.33 -19.18
N PRO A 212 -5.15 6.53 -19.16
CA PRO A 212 -6.00 5.80 -20.11
C PRO A 212 -5.76 6.17 -21.57
N TYR A 213 -5.33 7.39 -21.85
CA TYR A 213 -5.14 7.86 -23.21
C TYR A 213 -3.66 7.99 -23.59
N LEU A 214 -2.79 7.26 -22.88
CA LEU A 214 -1.34 7.37 -23.08
C LEU A 214 -0.93 7.04 -24.51
N PHE A 215 -1.18 5.82 -24.94
CA PHE A 215 -0.75 5.36 -26.26
C PHE A 215 -1.52 5.94 -27.45
N PRO A 216 -2.86 6.04 -27.45
CA PRO A 216 -3.53 6.62 -28.62
C PRO A 216 -3.11 8.05 -28.97
N TYR A 217 -2.74 8.87 -27.98
CA TYR A 217 -2.47 10.28 -28.25
C TYR A 217 -1.06 10.70 -27.84
N PHE A 218 -0.74 10.71 -26.54
CA PHE A 218 0.57 11.13 -26.02
C PHE A 218 1.74 10.51 -26.77
N ILE A 219 1.84 9.19 -26.75
CA ILE A 219 2.90 8.50 -27.48
C ILE A 219 2.46 8.33 -28.93
N PRO A 220 3.31 8.68 -29.90
CA PRO A 220 2.96 8.44 -31.32
C PRO A 220 2.73 6.97 -31.64
N LEU A 221 3.51 6.08 -31.04
CA LEU A 221 3.40 4.63 -31.20
C LEU A 221 1.98 4.08 -31.03
N LYS A 229 -6.45 -6.46 -33.58
CA LYS A 229 -6.08 -6.53 -32.17
C LYS A 229 -4.86 -7.45 -32.01
N GLY A 230 -3.74 -7.04 -32.57
CA GLY A 230 -2.52 -7.81 -32.45
C GLY A 230 -1.95 -7.77 -31.04
N THR A 231 -0.99 -8.67 -30.81
CA THR A 231 -0.36 -8.82 -29.49
C THR A 231 0.19 -7.51 -28.97
N MET A 232 0.79 -6.70 -29.86
CA MET A 232 1.34 -5.41 -29.46
C MET A 232 0.23 -4.50 -28.92
N VAL A 233 -0.89 -4.45 -29.63
CA VAL A 233 -2.03 -3.62 -29.21
C VAL A 233 -2.51 -4.04 -27.83
N ARG A 234 -2.65 -5.36 -27.62
CA ARG A 234 -3.11 -5.88 -26.34
C ARG A 234 -2.16 -5.51 -25.22
N TRP A 235 -0.85 -5.65 -25.47
CA TRP A 235 0.13 -5.32 -24.44
C TRP A 235 0.16 -3.82 -24.16
N LEU A 236 -0.06 -2.98 -25.18
CA LEU A 236 -0.15 -1.55 -24.96
C LEU A 236 -1.35 -1.19 -24.08
N ARG A 237 -2.52 -1.78 -24.39
CA ARG A 237 -3.69 -1.54 -23.57
C ARG A 237 -3.47 -2.03 -22.13
N ALA A 238 -2.81 -3.19 -21.99
CA ALA A 238 -2.49 -3.72 -20.67
C ALA A 238 -1.58 -2.78 -19.90
N TYR A 239 -0.56 -2.25 -20.58
CA TYR A 239 0.38 -1.34 -19.95
C TYR A 239 -0.32 -0.06 -19.50
N GLU A 240 -1.16 0.52 -20.37
CA GLU A 240 -1.80 1.77 -19.99
C GLU A 240 -2.82 1.56 -18.86
N SER A 241 -3.49 0.41 -18.83
CA SER A 241 -4.38 0.11 -17.71
C SER A 241 -3.58 -0.07 -16.42
N ALA A 242 -2.38 -0.63 -16.55
CA ALA A 242 -1.53 -0.84 -15.37
C ALA A 242 -1.02 0.49 -14.84
N VAL A 243 -0.53 1.35 -15.74
CA VAL A 243 0.01 2.64 -15.35
C VAL A 243 -1.07 3.53 -14.75
N SER A 244 -2.29 3.48 -15.32
CA SER A 244 -3.41 4.22 -14.73
C SER A 244 -3.72 3.73 -13.33
N PHE A 245 -3.75 2.40 -13.13
CA PHE A 245 -3.97 1.85 -11.80
C PHE A 245 -2.86 2.27 -10.83
N HIS A 246 -1.62 2.29 -11.33
CA HIS A 246 -0.48 2.71 -10.51
C HIS A 246 -0.62 4.16 -10.07
N PHE A 247 -0.95 5.05 -11.00
CA PHE A 247 -1.12 6.45 -10.61
C PHE A 247 -2.30 6.66 -9.67
N SER A 248 -3.37 5.86 -9.80
CA SER A 248 -4.45 5.94 -8.83
C SER A 248 -3.95 5.56 -7.44
N ASN A 249 -3.16 4.48 -7.36
CA ASN A 249 -2.55 4.09 -6.09
C ASN A 249 -1.63 5.17 -5.55
N TYR A 250 -0.84 5.79 -6.43
CA TYR A 250 0.06 6.87 -6.02
C TYR A 250 -0.72 8.06 -5.48
N PHE A 251 -1.85 8.38 -6.12
CA PHE A 251 -2.73 9.43 -5.62
C PHE A 251 -3.17 9.13 -4.20
N VAL A 252 -3.63 7.90 -3.96
CA VAL A 252 -4.07 7.52 -2.61
C VAL A 252 -2.90 7.60 -1.63
N GLY A 253 -1.73 7.13 -2.05
CA GLY A 253 -0.55 7.17 -1.19
C GLY A 253 -0.13 8.58 -0.81
N PHE A 254 -0.02 9.47 -1.80
CA PHE A 254 0.40 10.85 -1.51
C PHE A 254 -0.66 11.60 -0.72
N LEU A 255 -1.93 11.34 -0.99
CA LEU A 255 -3.00 11.95 -0.19
C LEU A 255 -2.91 11.48 1.25
N SER A 256 -2.63 10.19 1.45
CA SER A 256 -2.47 9.65 2.80
C SER A 256 -1.27 10.27 3.50
N GLU A 257 -0.16 10.48 2.78
CA GLU A 257 1.00 11.18 3.33
C GLU A 257 0.61 12.59 3.76
N ALA A 258 -0.14 13.30 2.90
CA ALA A 258 -0.55 14.66 3.19
C ALA A 258 -1.41 14.72 4.43
N THR A 259 -2.42 13.85 4.53
CA THR A 259 -3.31 13.85 5.68
C THR A 259 -2.57 13.50 6.96
N ALA A 260 -1.74 12.46 6.92
CA ALA A 260 -1.00 12.03 8.11
C ALA A 260 -0.03 13.11 8.58
N THR A 261 0.73 13.70 7.65
CA THR A 261 1.64 14.79 8.01
C THR A 261 0.87 15.99 8.54
N LEU A 262 -0.24 16.35 7.87
CA LEU A 262 -1.03 17.50 8.26
C LEU A 262 -1.68 17.32 9.61
N ALA A 263 -1.89 16.08 10.06
CA ALA A 263 -2.42 15.85 11.39
C ALA A 263 -1.34 15.86 12.46
N GLY A 264 -0.07 15.78 12.06
CA GLY A 264 1.04 15.84 12.99
C GLY A 264 1.85 14.56 13.11
N ALA A 265 1.54 13.53 12.33
CA ALA A 265 2.25 12.27 12.39
C ALA A 265 3.28 12.21 11.27
N GLY A 266 3.94 11.06 11.13
CA GLY A 266 4.90 10.86 10.07
C GLY A 266 6.19 11.63 10.19
N PHE A 267 6.74 11.73 11.39
CA PHE A 267 8.01 12.41 11.59
C PHE A 267 9.03 11.45 12.20
N THR A 268 10.29 11.71 11.94
CA THR A 268 11.39 10.92 12.47
C THR A 268 12.38 11.84 13.16
N GLU A 269 12.43 11.75 14.48
CA GLU A 269 13.33 12.54 15.33
C GLU A 269 14.69 11.82 15.38
N GLU A 270 15.49 12.03 14.35
CA GLU A 270 16.78 11.36 14.24
C GLU A 270 17.88 12.34 14.61
N LYS A 271 18.72 11.93 15.57
CA LYS A 271 19.87 12.69 16.07
C LYS A 271 19.45 14.11 16.46
N ASP A 272 18.34 14.17 17.21
CA ASP A 272 17.73 15.42 17.70
C ASP A 272 17.45 16.36 16.53
N HIS A 273 17.08 15.79 15.39
CA HIS A 273 16.76 16.56 14.19
C HIS A 273 15.49 15.96 13.62
N LEU A 274 14.43 16.77 13.55
CA LEU A 274 13.11 16.34 13.09
C LEU A 274 12.98 16.34 11.55
N GLU A 275 12.59 15.20 10.98
CA GLU A 275 12.41 15.01 9.55
C GLU A 275 11.02 14.47 9.25
N TRP A 276 10.18 15.29 8.62
CA TRP A 276 8.87 14.86 8.16
C TRP A 276 9.09 14.09 6.88
N ASP A 277 9.29 12.77 7.00
CA ASP A 277 9.67 11.96 5.86
C ASP A 277 8.82 10.70 5.73
N LEU A 278 7.55 10.76 6.13
CA LEU A 278 6.65 9.63 5.91
C LEU A 278 6.47 9.40 4.42
N THR A 279 6.87 8.21 3.96
CA THR A 279 6.73 7.82 2.56
C THR A 279 5.85 6.58 2.49
N VAL A 280 4.72 6.70 1.80
CA VAL A 280 3.82 5.57 1.63
C VAL A 280 4.15 4.81 0.35
N SER A 281 4.35 5.52 -0.75
CA SER A 281 4.61 4.91 -2.03
C SER A 281 5.81 5.57 -2.68
N LYS A 282 6.61 4.77 -3.38
CA LYS A 282 7.76 5.24 -4.14
C LYS A 282 7.49 5.02 -5.63
N PRO A 283 6.85 5.98 -6.30
CA PRO A 283 6.49 5.79 -7.73
C PRO A 283 7.67 5.46 -8.63
N LEU A 284 8.82 6.10 -8.41
CA LEU A 284 9.98 5.87 -9.26
C LEU A 284 10.47 4.42 -9.19
N ASN A 285 10.34 3.78 -8.04
CA ASN A 285 10.80 2.40 -7.88
C ASN A 285 9.83 1.38 -8.46
N VAL A 286 8.66 1.80 -8.90
CA VAL A 286 7.69 0.94 -9.55
C VAL A 286 7.62 1.21 -11.04
N GLU A 287 7.53 2.49 -11.42
CA GLU A 287 7.52 2.87 -12.83
C GLU A 287 8.82 2.48 -13.52
N LEU A 288 9.95 2.77 -12.88
CA LEU A 288 11.27 2.32 -13.33
C LEU A 288 11.75 1.27 -12.34
N PRO A 289 11.33 0.02 -12.49
CA PRO A 289 11.60 -1.00 -11.46
C PRO A 289 12.90 -1.76 -11.64
N ARG A 290 13.59 -1.99 -10.51
CA ARG A 290 14.73 -2.88 -10.55
C ARG A 290 14.28 -4.34 -10.44
N SER A 291 13.34 -4.61 -9.54
CA SER A 291 12.84 -5.96 -9.31
C SER A 291 11.37 -5.88 -8.92
N MET A 292 10.68 -7.02 -9.04
CA MET A 292 9.29 -7.07 -8.61
C MET A 292 9.16 -7.02 -7.10
N VAL A 293 10.18 -7.50 -6.38
CA VAL A 293 10.21 -7.37 -4.92
C VAL A 293 10.21 -5.91 -4.53
N GLU A 294 11.03 -5.10 -5.21
CA GLU A 294 11.07 -3.67 -4.98
C GLU A 294 9.72 -3.03 -5.31
N VAL A 295 9.06 -3.49 -6.37
CA VAL A 295 7.73 -2.99 -6.74
C VAL A 295 6.74 -3.23 -5.61
N VAL A 296 6.70 -4.47 -5.12
CA VAL A 296 5.77 -4.84 -4.07
C VAL A 296 6.03 -4.02 -2.80
N THR A 297 7.30 -3.90 -2.42
CA THR A 297 7.65 -3.12 -1.24
C THR A 297 7.29 -1.65 -1.39
N SER A 298 7.65 -1.06 -2.53
CA SER A 298 7.43 0.37 -2.77
C SER A 298 5.98 0.72 -3.05
N TRP A 299 5.15 -0.29 -3.35
CA TRP A 299 3.72 -0.05 -3.58
C TRP A 299 3.08 0.64 -2.39
N ASN A 300 3.31 0.11 -1.19
CA ASN A 300 2.80 0.72 0.02
C ASN A 300 3.77 0.35 1.14
N LEU A 301 4.70 1.26 1.44
CA LEU A 301 5.72 0.99 2.46
C LEU A 301 5.14 0.69 3.83
N PRO A 302 4.21 1.48 4.42
CA PRO A 302 3.60 1.05 5.69
C PRO A 302 2.94 -0.31 5.61
N MET A 303 2.22 -0.59 4.52
CA MET A 303 1.53 -1.86 4.37
C MET A 303 2.52 -3.01 4.25
N SER A 304 3.56 -2.81 3.44
CA SER A 304 4.58 -3.84 3.26
C SER A 304 5.31 -4.12 4.57
N TYR A 305 5.64 -3.07 5.32
CA TYR A 305 6.29 -3.25 6.61
C TYR A 305 5.37 -3.96 7.59
N TRP A 306 4.07 -3.60 7.59
CA TRP A 306 3.11 -4.26 8.46
C TRP A 306 3.00 -5.74 8.14
N LEU A 307 2.90 -6.07 6.85
CA LEU A 307 2.79 -7.46 6.43
C LEU A 307 4.03 -8.25 6.79
N ASN A 308 5.21 -7.70 6.49
CA ASN A 308 6.45 -8.39 6.81
C ASN A 308 6.65 -8.56 8.31
N ASN A 309 6.33 -7.53 9.11
CA ASN A 309 6.57 -7.58 10.54
C ASN A 309 5.55 -8.46 11.26
N TYR A 310 4.28 -8.37 10.88
CA TYR A 310 3.20 -8.92 11.68
C TYR A 310 2.55 -10.16 11.08
N VAL A 311 2.91 -10.55 9.85
CA VAL A 311 2.41 -11.77 9.24
C VAL A 311 3.56 -12.70 8.83
N PHE A 312 4.59 -12.13 8.18
CA PHE A 312 5.68 -12.96 7.67
C PHE A 312 6.52 -13.54 8.79
N LYS A 313 6.91 -12.72 9.77
CA LYS A 313 7.73 -13.22 10.88
C LYS A 313 6.97 -14.20 11.75
N ASN A 314 5.67 -14.01 11.91
CA ASN A 314 4.88 -14.94 12.71
C ASN A 314 4.57 -16.24 11.98
N ALA A 315 4.71 -16.27 10.65
CA ALA A 315 4.44 -17.46 9.86
C ALA A 315 5.71 -18.19 9.42
N LEU A 316 6.86 -17.84 9.98
CA LEU A 316 8.12 -18.45 9.57
C LEU A 316 8.25 -19.91 9.98
N ARG A 317 7.39 -20.40 10.89
CA ARG A 317 7.45 -21.80 11.28
C ARG A 317 6.96 -22.73 10.17
N LEU A 318 6.27 -22.20 9.17
CA LEU A 318 5.79 -22.99 8.05
C LEU A 318 6.78 -23.08 6.90
N GLY A 319 7.93 -22.44 7.02
CA GLY A 319 8.84 -22.32 5.90
C GLY A 319 8.74 -20.95 5.23
N THR A 320 9.75 -20.65 4.41
CA THR A 320 9.81 -19.32 3.79
C THR A 320 8.71 -19.15 2.75
N PHE A 321 8.55 -20.13 1.86
CA PHE A 321 7.57 -20.04 0.79
C PHE A 321 6.14 -20.04 1.33
N SER A 322 5.87 -20.88 2.32
CA SER A 322 4.55 -20.92 2.94
C SER A 322 4.26 -19.62 3.68
N ALA A 323 5.27 -19.01 4.29
CA ALA A 323 5.07 -17.72 4.94
C ALA A 323 4.80 -16.63 3.91
N VAL A 324 5.43 -16.71 2.74
CA VAL A 324 5.15 -15.76 1.66
C VAL A 324 3.71 -15.91 1.19
N LEU A 325 3.25 -17.15 1.01
CA LEU A 325 1.86 -17.38 0.62
C LEU A 325 0.87 -16.91 1.69
N VAL A 326 1.19 -17.13 2.96
CA VAL A 326 0.33 -16.67 4.05
C VAL A 326 0.27 -15.15 4.07
N THR A 327 1.42 -14.50 3.87
CA THR A 327 1.45 -13.03 3.84
C THR A 327 0.63 -12.48 2.68
N TYR A 328 0.76 -13.09 1.49
CA TYR A 328 0.01 -12.60 0.35
C TYR A 328 -1.48 -12.91 0.47
N ALA A 329 -1.85 -14.03 1.09
CA ALA A 329 -3.26 -14.33 1.33
C ALA A 329 -3.86 -13.38 2.35
N ALA A 330 -3.10 -13.03 3.39
CA ALA A 330 -3.56 -12.04 4.35
C ALA A 330 -3.71 -10.67 3.70
N SER A 331 -2.80 -10.33 2.80
CA SER A 331 -2.92 -9.08 2.05
C SER A 331 -4.15 -9.11 1.15
N ALA A 332 -4.44 -10.26 0.52
CA ALA A 332 -5.62 -10.38 -0.32
C ALA A 332 -6.90 -10.24 0.48
N LEU A 333 -6.92 -10.81 1.68
CA LEU A 333 -8.10 -10.66 2.53
C LEU A 333 -8.24 -9.22 3.03
N LEU A 334 -7.12 -8.56 3.33
CA LEU A 334 -7.16 -7.18 3.80
C LEU A 334 -7.70 -6.22 2.74
N HIS A 335 -7.41 -6.47 1.46
CA HIS A 335 -7.95 -5.62 0.41
C HIS A 335 -9.36 -6.03 -0.01
N GLY A 336 -9.94 -7.04 0.62
CA GLY A 336 -11.25 -7.53 0.26
C GLY A 336 -11.14 -8.57 -0.84
N PHE A 337 -11.91 -9.65 -0.74
CA PHE A 337 -11.80 -10.74 -1.70
C PHE A 337 -12.52 -10.33 -2.98
N SER A 338 -11.74 -9.87 -3.94
CA SER A 338 -12.14 -9.82 -5.34
C SER A 338 -11.22 -10.76 -6.10
N PHE A 339 -11.78 -11.47 -7.09
CA PHE A 339 -11.03 -12.56 -7.72
C PHE A 339 -9.83 -12.05 -8.51
N HIS A 340 -9.96 -10.89 -9.14
CA HIS A 340 -8.83 -10.37 -9.91
C HIS A 340 -7.68 -9.95 -9.01
N LEU A 341 -7.97 -9.27 -7.90
CA LEU A 341 -6.91 -8.85 -6.99
C LEU A 341 -6.32 -10.04 -6.25
N ALA A 342 -7.15 -11.02 -5.89
CA ALA A 342 -6.64 -12.23 -5.24
C ALA A 342 -5.74 -13.02 -6.20
N ALA A 343 -6.12 -13.09 -7.48
CA ALA A 343 -5.29 -13.75 -8.47
C ALA A 343 -3.99 -13.00 -8.69
N VAL A 344 -4.04 -11.66 -8.69
CA VAL A 344 -2.84 -10.85 -8.85
C VAL A 344 -1.89 -11.07 -7.68
N LEU A 345 -2.41 -11.11 -6.46
CA LEU A 345 -1.54 -11.28 -5.30
C LEU A 345 -1.00 -12.70 -5.19
N LEU A 346 -1.82 -13.69 -5.56
CA LEU A 346 -1.35 -15.07 -5.59
C LEU A 346 -0.26 -15.27 -6.63
N SER A 347 -0.40 -14.63 -7.80
CA SER A 347 0.66 -14.66 -8.80
C SER A 347 1.88 -13.89 -8.32
N LEU A 348 1.65 -12.79 -7.59
CA LEU A 348 2.75 -11.96 -7.09
C LEU A 348 3.60 -12.70 -6.07
N ALA A 349 2.98 -13.57 -5.27
CA ALA A 349 3.75 -14.41 -4.35
C ALA A 349 4.77 -15.25 -5.10
N PHE A 350 4.32 -15.96 -6.14
CA PHE A 350 5.22 -16.79 -6.93
C PHE A 350 6.25 -15.95 -7.67
N ILE A 351 5.83 -14.81 -8.22
CA ILE A 351 6.74 -13.96 -8.99
C ILE A 351 7.86 -13.42 -8.10
N THR A 352 7.50 -12.85 -6.95
CA THR A 352 8.49 -12.29 -6.06
C THR A 352 9.40 -13.36 -5.47
N TYR A 353 8.83 -14.51 -5.07
CA TYR A 353 9.68 -15.55 -4.49
C TYR A 353 10.66 -16.12 -5.52
N VAL A 354 10.16 -16.43 -6.71
CA VAL A 354 11.01 -17.02 -7.75
C VAL A 354 12.08 -16.04 -8.18
N GLU A 355 11.71 -14.76 -8.38
CA GLU A 355 12.68 -13.78 -8.82
C GLU A 355 13.70 -13.48 -7.72
N HIS A 356 13.27 -13.49 -6.46
CA HIS A 356 14.19 -13.26 -5.35
C HIS A 356 15.21 -14.38 -5.23
N VAL A 357 14.76 -15.64 -5.24
CA VAL A 357 15.70 -16.74 -5.09
C VAL A 357 16.58 -16.88 -6.34
N LEU A 358 16.04 -16.57 -7.53
CA LEU A 358 16.83 -16.65 -8.74
C LEU A 358 17.88 -15.57 -8.79
N ARG A 359 17.55 -14.36 -8.35
CA ARG A 359 18.54 -13.29 -8.31
C ARG A 359 19.59 -13.54 -7.25
N LYS A 360 19.21 -14.13 -6.10
CA LYS A 360 20.21 -14.53 -5.11
C LYS A 360 21.17 -15.57 -5.67
N ARG A 361 20.63 -16.60 -6.35
CA ARG A 361 21.48 -17.64 -6.91
C ARG A 361 22.39 -17.08 -7.99
N LEU A 362 21.86 -16.21 -8.85
CA LEU A 362 22.67 -15.59 -9.89
C LEU A 362 23.77 -14.74 -9.30
N ALA A 363 23.44 -13.93 -8.28
CA ALA A 363 24.44 -13.10 -7.61
C ALA A 363 25.52 -13.94 -6.97
N ARG A 364 25.15 -15.07 -6.37
CA ARG A 364 26.15 -15.92 -5.72
C ARG A 364 27.06 -16.58 -6.75
N ILE A 365 26.47 -17.12 -7.82
CA ILE A 365 27.27 -17.83 -8.83
C ILE A 365 28.16 -16.88 -9.61
N LEU A 366 27.62 -15.75 -10.05
CA LEU A 366 28.35 -14.82 -10.91
C LEU A 366 29.13 -13.76 -10.15
N SER A 367 29.02 -13.72 -8.81
CA SER A 367 29.62 -12.68 -7.97
C SER A 367 29.30 -11.28 -8.48
N ALA A 368 28.02 -11.04 -8.73
CA ALA A 368 27.55 -9.80 -9.33
C ALA A 368 26.47 -9.16 -8.47
N CYS A 369 26.31 -7.85 -8.66
CA CYS A 369 25.31 -7.06 -7.94
C CYS A 369 23.94 -7.14 -8.61
N VAL A 370 23.44 -8.37 -8.74
CA VAL A 370 22.18 -8.59 -9.44
C VAL A 370 21.10 -9.08 -8.47
N LEU A 371 21.23 -8.70 -7.20
CA LEU A 371 20.20 -9.00 -6.22
C LEU A 371 18.94 -8.18 -6.47
N SER A 372 17.85 -8.57 -5.80
CA SER A 372 16.57 -7.90 -5.99
C SER A 372 16.58 -6.48 -5.45
N LYS A 373 17.49 -6.15 -4.56
CA LYS A 373 17.70 -4.79 -4.08
C LYS A 373 19.13 -4.38 -4.38
N ARG A 374 19.39 -3.08 -4.23
CA ARG A 374 20.74 -2.57 -4.45
C ARG A 374 21.67 -3.09 -3.37
N CYS A 375 22.88 -3.47 -3.77
CA CYS A 375 23.87 -3.90 -2.80
C CYS A 375 24.35 -2.71 -1.97
N PRO A 376 24.77 -2.96 -0.73
CA PRO A 376 25.43 -1.92 0.06
C PRO A 376 26.79 -1.61 -0.52
N PRO A 377 27.39 -0.46 -0.14
CA PRO A 377 28.72 -0.12 -0.68
C PRO A 377 29.81 -1.12 -0.31
N ASP A 378 29.65 -1.88 0.76
CA ASP A 378 30.59 -2.93 1.14
C ASP A 378 29.89 -4.28 0.92
N CYS A 379 29.99 -4.79 -0.31
CA CYS A 379 29.48 -6.12 -0.64
C CYS A 379 30.57 -6.91 -1.36
N SER A 380 30.50 -8.23 -1.23
CA SER A 380 31.57 -9.11 -1.69
C SER A 380 31.49 -9.44 -3.18
N HIS A 381 30.52 -8.87 -3.90
CA HIS A 381 30.39 -9.17 -5.33
C HIS A 381 31.56 -8.59 -6.11
N GLN A 382 32.14 -9.40 -6.99
CA GLN A 382 33.30 -8.97 -7.76
C GLN A 382 32.92 -7.97 -8.84
N HIS A 383 31.85 -8.27 -9.58
CA HIS A 383 31.37 -7.40 -10.66
C HIS A 383 30.26 -6.51 -10.14
N ARG A 384 30.56 -5.21 -10.02
CA ARG A 384 29.64 -4.25 -9.43
C ARG A 384 29.05 -3.27 -10.43
N LEU A 385 29.85 -2.79 -11.39
CA LEU A 385 29.41 -1.76 -12.33
C LEU A 385 29.67 -2.15 -13.78
N GLY A 386 29.86 -3.44 -14.04
CA GLY A 386 30.18 -3.87 -15.39
C GLY A 386 29.01 -3.77 -16.34
N LEU A 387 29.32 -4.02 -17.63
CA LEU A 387 28.27 -3.96 -18.65
C LEU A 387 27.33 -5.15 -18.52
N GLY A 388 27.85 -6.31 -18.14
CA GLY A 388 27.00 -7.48 -17.95
C GLY A 388 26.04 -7.33 -16.79
N VAL A 389 26.50 -6.72 -15.69
CA VAL A 389 25.65 -6.48 -14.54
C VAL A 389 24.53 -5.51 -14.91
N ARG A 390 24.86 -4.44 -15.64
CA ARG A 390 23.85 -3.48 -16.07
C ARG A 390 22.86 -4.12 -17.05
N ALA A 391 23.35 -4.99 -17.94
CA ALA A 391 22.48 -5.67 -18.88
C ALA A 391 21.53 -6.63 -18.16
N LEU A 392 22.03 -7.38 -17.18
CA LEU A 392 21.16 -8.29 -16.43
C LEU A 392 20.14 -7.54 -15.61
N ASN A 393 20.54 -6.43 -15.00
CA ASN A 393 19.60 -5.60 -14.24
C ASN A 393 18.55 -4.99 -15.15
N LEU A 394 18.94 -4.56 -16.35
CA LEU A 394 17.98 -4.03 -17.31
C LEU A 394 17.02 -5.09 -17.80
N LEU A 395 17.52 -6.32 -18.01
CA LEU A 395 16.65 -7.42 -18.40
C LEU A 395 15.62 -7.74 -17.32
N PHE A 396 16.07 -7.75 -16.06
CA PHE A 396 15.14 -7.99 -14.97
C PHE A 396 14.16 -6.85 -14.78
N GLY A 397 14.59 -5.60 -15.03
CA GLY A 397 13.67 -4.48 -14.97
C GLY A 397 12.63 -4.52 -16.07
N ALA A 398 13.03 -4.92 -17.28
CA ALA A 398 12.09 -5.11 -18.37
C ALA A 398 11.11 -6.24 -18.06
N LEU A 399 11.60 -7.31 -17.42
CA LEU A 399 10.72 -8.38 -16.97
C LEU A 399 9.74 -7.89 -15.92
N ALA A 400 10.19 -6.98 -15.05
CA ALA A 400 9.31 -6.41 -14.04
C ALA A 400 8.24 -5.53 -14.67
N ILE A 401 8.61 -4.74 -15.68
CA ILE A 401 7.63 -3.93 -16.40
C ILE A 401 6.62 -4.82 -17.13
N PHE A 402 7.10 -5.92 -17.71
CA PHE A 402 6.24 -6.91 -18.35
C PHE A 402 5.27 -7.53 -17.36
N HIS A 403 5.75 -7.89 -16.16
CA HIS A 403 4.89 -8.41 -15.11
C HIS A 403 3.87 -7.38 -14.66
N LEU A 404 4.29 -6.11 -14.56
CA LEU A 404 3.38 -5.04 -14.16
C LEU A 404 2.26 -4.85 -15.17
N ALA A 405 2.58 -4.87 -16.46
CA ALA A 405 1.55 -4.74 -17.48
C ALA A 405 0.60 -5.93 -17.47
N TYR A 406 1.14 -7.13 -17.26
CA TYR A 406 0.31 -8.33 -17.21
C TYR A 406 -0.64 -8.28 -16.03
N LEU A 407 -0.13 -7.98 -14.84
CA LEU A 407 -0.98 -7.98 -13.66
C LEU A 407 -1.94 -6.79 -13.64
N GLY A 408 -1.50 -5.64 -14.17
CA GLY A 408 -2.35 -4.47 -14.23
C GLY A 408 -3.37 -4.47 -15.33
N SER A 409 -3.31 -5.44 -16.24
CA SER A 409 -4.35 -5.53 -17.26
C SER A 409 -5.72 -5.88 -16.69
N LEU A 410 -5.76 -6.46 -15.50
CA LEU A 410 -7.01 -6.82 -14.85
C LEU A 410 -7.76 -5.61 -14.29
N PHE A 411 -7.14 -4.44 -14.24
CA PHE A 411 -7.70 -3.27 -13.57
C PHE A 411 -8.08 -2.17 -14.54
N ASP A 412 -8.53 -2.52 -15.74
CA ASP A 412 -8.99 -1.50 -16.67
C ASP A 412 -10.38 -1.00 -16.28
N VAL A 413 -10.68 0.21 -16.72
CA VAL A 413 -11.96 0.84 -16.39
C VAL A 413 -12.68 1.28 -17.67
N TYR A 424 -16.63 -9.08 -12.29
CA TYR A 424 -15.34 -9.45 -12.87
C TYR A 424 -14.64 -10.51 -12.03
N GLY A 425 -15.10 -11.75 -12.15
CA GLY A 425 -14.57 -12.84 -11.35
C GLY A 425 -13.58 -13.70 -12.10
N MET A 426 -13.88 -15.01 -12.17
CA MET A 426 -12.94 -15.95 -12.78
C MET A 426 -12.87 -15.78 -14.29
N ALA A 427 -14.03 -15.60 -14.95
CA ALA A 427 -14.06 -15.56 -16.41
C ALA A 427 -13.33 -14.34 -16.95
N TYR A 428 -13.51 -13.19 -16.30
CA TYR A 428 -12.84 -11.97 -16.75
C TYR A 428 -11.32 -12.08 -16.61
N THR A 429 -10.86 -12.61 -15.47
CA THR A 429 -9.43 -12.78 -15.25
C THR A 429 -8.82 -13.77 -16.24
N VAL A 430 -9.51 -14.89 -16.47
CA VAL A 430 -9.04 -15.89 -17.41
C VAL A 430 -8.98 -15.34 -18.82
N HIS A 431 -10.00 -14.57 -19.23
CA HIS A 431 -10.02 -13.98 -20.55
C HIS A 431 -8.90 -12.96 -20.73
N LYS A 432 -8.73 -12.06 -19.74
CA LYS A 432 -7.72 -11.02 -19.87
C LYS A 432 -6.30 -11.59 -19.84
N TRP A 433 -6.07 -12.65 -19.06
CA TRP A 433 -4.75 -13.26 -19.04
C TRP A 433 -4.54 -14.25 -20.17
N SER A 434 -5.60 -14.67 -20.86
CA SER A 434 -5.45 -15.48 -22.06
C SER A 434 -5.24 -14.63 -23.30
N GLU A 435 -5.72 -13.39 -23.29
CA GLU A 435 -5.38 -12.47 -24.37
C GLU A 435 -3.90 -12.11 -24.35
N LEU A 436 -3.27 -12.20 -23.19
CA LEU A 436 -1.82 -12.06 -23.07
C LEU A 436 -1.11 -13.41 -23.10
N SER A 437 -1.84 -14.49 -23.41
CA SER A 437 -1.31 -15.84 -23.60
C SER A 437 -0.63 -16.38 -22.34
N TRP A 438 -1.08 -15.91 -21.17
CA TRP A 438 -0.55 -16.31 -19.86
C TRP A 438 0.97 -16.12 -19.79
N ALA A 439 1.44 -15.00 -20.33
CA ALA A 439 2.86 -14.83 -20.60
C ALA A 439 3.67 -14.72 -19.31
N SER A 440 3.17 -13.98 -18.32
CA SER A 440 3.94 -13.79 -17.09
C SER A 440 4.01 -15.05 -16.26
N HIS A 441 2.98 -15.88 -16.28
CA HIS A 441 3.04 -17.15 -15.56
C HIS A 441 4.03 -18.09 -16.23
N TRP A 442 4.09 -18.09 -17.56
CA TRP A 442 5.08 -18.89 -18.26
C TRP A 442 6.49 -18.38 -17.99
N VAL A 443 6.67 -17.05 -17.90
CA VAL A 443 7.98 -16.49 -17.59
C VAL A 443 8.39 -16.84 -16.16
N THR A 444 7.44 -16.80 -15.22
CA THR A 444 7.74 -17.18 -13.84
C THR A 444 8.09 -18.67 -13.74
N PHE A 445 7.36 -19.52 -14.45
CA PHE A 445 7.68 -20.94 -14.47
C PHE A 445 9.04 -21.21 -15.10
N GLY A 446 9.35 -20.51 -16.19
CA GLY A 446 10.66 -20.66 -16.81
C GLY A 446 11.78 -20.15 -15.94
N CYS A 447 11.54 -19.07 -15.20
CA CYS A 447 12.54 -18.55 -14.28
C CYS A 447 12.78 -19.52 -13.13
N TRP A 448 11.71 -20.17 -12.63
CA TRP A 448 11.90 -21.18 -11.60
C TRP A 448 12.65 -22.39 -12.14
N ILE A 449 12.35 -22.82 -13.37
CA ILE A 449 13.08 -23.92 -14.00
C ILE A 449 14.56 -23.56 -14.13
N PHE A 450 14.83 -22.33 -14.57
CA PHE A 450 16.20 -21.86 -14.72
C PHE A 450 16.92 -21.86 -13.38
N TYR A 451 16.24 -21.37 -12.34
CA TYR A 451 16.75 -21.36 -10.97
C TYR A 451 17.18 -22.77 -10.55
N ARG A 452 16.27 -23.74 -10.70
CA ARG A 452 16.58 -25.11 -10.31
C ARG A 452 17.75 -25.65 -11.13
N LEU A 453 17.78 -25.38 -12.43
CA LEU A 453 18.82 -25.90 -13.29
C LEU A 453 20.20 -25.37 -12.87
N ILE A 454 20.31 -24.04 -12.68
CA ILE A 454 21.61 -23.46 -12.35
C ILE A 454 22.06 -23.96 -10.98
N GLY A 455 21.12 -24.11 -10.04
CA GLY A 455 21.50 -24.65 -8.74
C GLY A 455 21.97 -26.08 -8.84
N ALA A 456 21.29 -26.90 -9.65
CA ALA A 456 21.68 -28.30 -9.83
C ALA A 456 23.06 -28.42 -10.45
N ALA A 457 23.34 -27.62 -11.48
CA ALA A 457 24.64 -27.64 -12.15
C ALA A 457 25.77 -27.26 -11.19
N ALA A 458 25.51 -26.29 -10.31
CA ALA A 458 26.45 -25.78 -9.31
C ALA A 458 27.86 -25.47 -9.85
C10 A1CC5 B . 1.43 -4.05 -9.30
C12 A1CC5 B . -0.78 -4.70 -9.45
C13 A1CC5 B . -1.95 -5.02 -10.33
C14 A1CC5 B . -0.86 -4.81 -8.07
C15 A1CC5 B . 1.38 -4.65 -5.04
C16 A1CC5 B . 1.33 -4.74 -3.66
C18 A1CC5 B . 2.82 -6.92 0.13
C19 A1CC5 B . 2.73 -8.30 -0.02
C2 A1CC5 B . 0.69 -6.15 -0.96
C20 A1CC5 B . 3.66 -9.14 0.58
C21 A1CC5 B . 4.70 -8.61 1.35
C22 A1CC5 B . 5.70 -9.50 1.99
C23 A1CC5 B . 5.82 -10.84 1.62
C24 A1CC5 B . 6.77 -11.65 2.24
C25 A1CC5 B . 7.57 -11.10 3.20
C27 A1CC5 B . 6.57 -9.05 2.98
C28 A1CC5 B . 4.78 -7.23 1.49
C29 A1CC5 B . 3.86 -6.39 0.90
C3 A1CC5 B . 0.07 -4.88 -1.49
C4 A1CC5 B . 0.11 -4.82 -2.99
C5 A1CC5 B . -1.05 -4.80 -3.74
C6 A1CC5 B . -1.01 -4.71 -5.13
C7 A1CC5 B . 0.21 -4.63 -5.80
C8 A1CC5 B . 0.26 -4.52 -7.28
C9 A1CC5 B . 1.43 -4.13 -7.93
N11 A1CC5 B . 0.37 -4.32 -10.06
N17 A1CC5 B . 1.94 -5.97 -0.44
N26 A1CC5 B . 7.49 -9.81 3.58
O1 A1CC5 B . 0.10 -7.22 -0.99
C1 AV0 C . 1.06 -19.29 14.75
O1 AV0 C . 0.02 -18.45 14.44
C2 AV0 C . 0.59 -20.24 15.84
O2 AV0 C . 0.39 -19.57 17.06
C3 AV0 C . 1.66 -21.31 16.07
O3 AV0 C . 1.22 -22.29 16.98
C4 AV0 C . 2.07 -21.99 14.77
O4 AV0 C . 3.13 -22.87 15.07
C5 AV0 C . 2.47 -20.92 13.74
O5 AV0 C . 1.41 -20.00 13.59
C6 AV0 C . 2.76 -21.46 12.36
O6 AV0 C . 2.14 -20.60 11.42
CAA AV0 C . -5.36 -17.35 6.49
CAB AV0 C . -5.95 -10.86 7.06
OAI AV0 C . 4.26 -25.96 11.25
OAJ AV0 C . 5.55 -12.04 20.44
OAL AV0 C . 2.67 -13.22 19.07
OAN AV0 C . 5.88 -16.80 17.55
OAP AV0 C . 4.14 -17.45 15.41
OAQ AV0 C . 4.66 -28.08 14.72
OAR AV0 C . 4.64 -13.73 24.03
OAS AV0 C . 3.21 -27.23 16.98
OAT AV0 C . 4.73 -16.51 24.38
OAU AV0 C . 2.84 -24.30 17.16
OAV AV0 C . 5.01 -18.15 22.05
CAW AV0 C . -4.06 -16.83 7.06
CAX AV0 C . -6.01 -9.96 8.28
CAY AV0 C . -4.24 -16.01 8.33
CAZ AV0 C . -4.78 -10.09 9.16
CBA AV0 C . -4.81 -16.80 9.49
CBB AV0 C . -4.51 -11.53 9.60
CBC AV0 C . -5.06 -15.94 10.73
CBD AV0 C . -3.17 -11.69 10.29
CBE AV0 C . -5.67 -16.69 11.91
CBF AV0 C . -2.67 -13.13 10.22
CBG AV0 C . -4.89 -17.85 12.49
CBH AV0 C . -1.37 -13.37 10.97
CBI AV0 C . -3.95 -17.45 13.62
CBJ AV0 C . -0.83 -14.78 10.78
CBK AV0 C . -2.61 -16.90 13.16
CBL AV0 C . 0.31 -15.09 11.73
CBM AV0 C . 3.41 -26.05 12.37
CBN AV0 C . 5.89 -12.62 21.67
CBP AV0 C . 2.18 -14.40 19.66
CBQ AV0 C . -1.84 -16.23 14.30
CBR AV0 C . -0.01 -14.86 13.20
CBS AV0 C . 0.27 -17.37 13.56
CBT AV0 C . 0.35 -15.79 15.45
OBV AV0 C . 1.75 -15.93 15.35
OBX AV0 C . 2.15 -15.25 17.45
OBY AV0 C . 4.23 -24.66 14.11
OBZ AV0 C . 5.87 -14.81 20.79
OCB AV0 C . 4.39 -16.47 20.02
CCC AV0 C . 4.26 -26.01 13.63
CCD AV0 C . 5.22 -13.98 21.75
CCF AV0 C . 2.56 -15.57 18.77
CCH AV0 C . 4.48 -16.79 17.66
CCJ AV0 C . 2.35 -16.28 16.54
CCL AV0 C . 3.85 -16.42 16.32
CCM AV0 C . -0.32 -16.06 14.11
CCN AV0 C . 3.78 -26.99 14.70
CCO AV0 C . 5.32 -14.59 23.15
CCQ AV0 C . 4.08 -15.85 18.79
CCR AV0 C . 3.06 -24.23 14.74
CCS AV0 C . 5.58 -16.18 20.73
CCT AV0 C . 3.69 -26.29 16.06
CCU AV0 C . 4.70 -15.98 23.08
CCV AV0 C . 2.78 -25.06 15.99
CCW AV0 C . 5.50 -16.84 22.11
ZN ZN D . 26.97 -6.25 -4.71
#